data_3NK3
#
_entry.id   3NK3
#
_cell.length_a   98.385
_cell.length_b   98.385
_cell.length_c   257.369
_cell.angle_alpha   90.00
_cell.angle_beta   90.00
_cell.angle_gamma   90.00
#
_symmetry.space_group_name_H-M   'P 41 21 2'
#
loop_
_entity.id
_entity.type
_entity.pdbx_description
1 polymer 'Zona pellucida 3'
2 polymer 'Zona pellucida 3'
3 branched beta-D-galactopyranose-(1-3)-2-acetamido-2-deoxy-alpha-D-galactopyranose
4 non-polymer 'CITRATE ANION'
5 water water
#
loop_
_entity_poly.entity_id
_entity_poly.type
_entity_poly.pdbx_seq_one_letter_code
_entity_poly.pdbx_strand_id
1 'polypeptide(L)'
;YTPVAVQCQEAQLVVTVHRDLFGTGRLINAADLTLGPAACKHSSLNAAHNTVTFAAGLHECGSVVQVTPDTLIYRTLINY
DPSPASNPVIIRTNPAVIPIECHYPRREQVSSNAIRPTWSPFNSALSAEERLVFSLRLMSDDWSTERPFTGFQLGDILNI
QAEVSTENHVPLRLFVDSCVAALSPDGDSSPHYAIIDFNGCLVDGRVDDTSSAFITPRPREDVLRFRIDVFRFAGDNRNL
IYITCHLKVTPADQGPDPQNKACSFNKARNTWVPVEGSRDVCNCCETGNCEPPALSR
;
A,B
2 'polypeptide(L)' AFAADAGKEVAADVVIGPVLLSADHHHHHH C,D
#
# COMPACT_ATOMS: atom_id res chain seq x y z
N TYR A 1 -2.51 -25.35 15.78
CA TYR A 1 -2.67 -23.90 15.92
C TYR A 1 -3.23 -23.30 14.63
N THR A 2 -4.42 -22.71 14.73
CA THR A 2 -5.08 -22.08 13.60
C THR A 2 -5.31 -20.60 13.90
N PRO A 3 -4.60 -19.71 13.19
CA PRO A 3 -4.69 -18.30 13.59
C PRO A 3 -6.15 -17.83 13.50
N VAL A 4 -6.86 -18.42 12.53
CA VAL A 4 -8.25 -18.05 12.27
C VAL A 4 -9.16 -19.27 12.10
N ALA A 5 -10.05 -19.48 13.06
CA ALA A 5 -10.98 -20.59 13.02
C ALA A 5 -12.33 -20.12 12.53
N VAL A 6 -12.91 -20.83 11.56
CA VAL A 6 -14.20 -20.47 11.01
C VAL A 6 -15.23 -21.59 11.13
N GLN A 7 -16.31 -21.29 11.84
CA GLN A 7 -17.39 -22.25 12.02
C GLN A 7 -18.54 -21.88 11.13
N CYS A 8 -18.80 -22.70 10.12
CA CYS A 8 -19.89 -22.43 9.18
C CYS A 8 -21.13 -23.14 9.64
N GLN A 9 -21.96 -22.43 10.40
CA GLN A 9 -23.13 -23.02 10.99
C GLN A 9 -24.35 -22.77 10.12
N GLU A 10 -25.52 -23.08 10.67
CA GLU A 10 -26.79 -23.22 9.91
C GLU A 10 -27.25 -21.97 9.23
N ALA A 11 -27.23 -20.87 9.98
CA ALA A 11 -27.62 -19.56 9.45
C ALA A 11 -26.70 -18.48 10.03
N GLN A 12 -25.52 -18.87 10.48
CA GLN A 12 -24.54 -17.91 10.94
C GLN A 12 -23.13 -18.49 10.81
N LEU A 13 -22.15 -17.61 10.81
CA LEU A 13 -20.77 -18.05 10.95
C LEU A 13 -20.15 -17.49 12.24
N VAL A 14 -19.19 -18.22 12.76
CA VAL A 14 -18.49 -17.82 13.97
C VAL A 14 -17.02 -17.90 13.71
N VAL A 15 -16.36 -16.74 13.75
CA VAL A 15 -14.93 -16.63 13.53
C VAL A 15 -14.19 -16.36 14.82
N THR A 16 -13.18 -17.18 15.11
CA THR A 16 -12.34 -16.97 16.25
C THR A 16 -10.93 -16.62 15.80
N VAL A 17 -10.41 -15.50 16.30
CA VAL A 17 -9.09 -15.01 15.92
C VAL A 17 -8.12 -14.86 17.09
N HIS A 18 -6.91 -15.38 16.92
CA HIS A 18 -5.89 -15.14 17.95
C HIS A 18 -5.33 -13.74 17.89
N ARG A 19 -5.15 -13.11 19.05
CA ARG A 19 -4.56 -11.77 19.09
C ARG A 19 -3.05 -11.79 18.78
N ASP A 20 -2.37 -12.91 19.06
CA ASP A 20 -1.01 -13.12 18.54
C ASP A 20 -1.13 -13.55 17.09
N LEU A 21 -1.69 -12.66 16.30
CA LEU A 21 -2.14 -12.99 14.95
C LEU A 21 -0.94 -13.19 14.05
N PHE A 22 0.11 -12.40 14.32
CA PHE A 22 1.35 -12.43 13.55
C PHE A 22 2.48 -13.09 14.31
N GLY A 23 2.19 -13.56 15.52
CA GLY A 23 3.19 -14.16 16.36
C GLY A 23 4.44 -13.31 16.46
N THR A 24 4.27 -11.98 16.45
CA THR A 24 5.40 -11.05 16.62
C THR A 24 5.72 -10.82 18.10
N GLY A 25 4.99 -11.49 18.99
CA GLY A 25 5.20 -11.34 20.41
C GLY A 25 4.29 -10.28 20.99
N ARG A 26 3.85 -9.36 20.15
CA ARG A 26 2.92 -8.33 20.58
C ARG A 26 1.50 -8.71 20.22
N LEU A 27 0.63 -8.69 21.21
CA LEU A 27 -0.78 -8.93 20.95
C LEU A 27 -1.39 -7.65 20.40
N ILE A 28 -2.24 -7.83 19.39
CA ILE A 28 -3.02 -6.74 18.83
C ILE A 28 -4.16 -6.37 19.76
N ASN A 29 -4.66 -5.16 19.57
CA ASN A 29 -5.75 -4.64 20.33
C ASN A 29 -7.06 -5.29 19.84
N ALA A 30 -7.87 -5.81 20.74
CA ALA A 30 -9.11 -6.45 20.32
C ALA A 30 -9.97 -5.52 19.44
N ALA A 31 -10.07 -4.25 19.84
CA ALA A 31 -10.91 -3.29 19.13
C ALA A 31 -10.41 -2.97 17.71
N ASP A 32 -9.17 -3.37 17.40
CA ASP A 32 -8.59 -3.17 16.07
C ASP A 32 -9.06 -4.22 15.07
N LEU A 33 -9.79 -5.22 15.54
CA LEU A 33 -10.38 -6.25 14.67
C LEU A 33 -11.86 -6.06 14.45
N THR A 34 -12.29 -6.21 13.20
CA THR A 34 -13.68 -6.12 12.85
C THR A 34 -14.04 -7.15 11.81
N LEU A 35 -15.34 -7.36 11.57
CA LEU A 35 -15.79 -8.38 10.61
C LEU A 35 -16.51 -7.74 9.43
N GLY A 36 -16.08 -8.12 8.23
CA GLY A 36 -16.71 -7.68 6.99
C GLY A 36 -16.53 -6.22 6.68
N PRO A 37 -16.90 -5.80 5.46
CA PRO A 37 -16.83 -4.41 5.02
C PRO A 37 -17.62 -3.46 5.91
N ALA A 38 -18.53 -4.01 6.71
CA ALA A 38 -19.35 -3.19 7.60
C ALA A 38 -18.60 -2.86 8.88
N ALA A 39 -17.51 -3.57 9.13
CA ALA A 39 -16.74 -3.43 10.36
C ALA A 39 -17.57 -3.68 11.64
N CYS A 40 -18.18 -4.87 11.73
CA CYS A 40 -18.97 -5.24 12.90
C CYS A 40 -18.03 -5.56 14.06
N LYS A 41 -18.43 -5.16 15.27
CA LYS A 41 -17.59 -5.31 16.45
C LYS A 41 -17.61 -6.78 16.85
N HIS A 42 -16.62 -7.17 17.65
CA HIS A 42 -16.53 -8.55 18.11
C HIS A 42 -17.65 -8.85 19.09
N SER A 43 -17.95 -10.12 19.26
CA SER A 43 -19.09 -10.52 20.08
C SER A 43 -18.61 -10.96 21.45
N SER A 44 -17.37 -11.41 21.55
CA SER A 44 -16.84 -11.84 22.83
C SER A 44 -15.32 -11.92 22.80
N LEU A 45 -14.71 -12.03 23.97
CA LEU A 45 -13.30 -12.35 24.02
C LEU A 45 -12.94 -13.25 25.19
N ASN A 46 -11.90 -14.03 24.97
CA ASN A 46 -11.44 -14.99 25.95
C ASN A 46 -9.99 -14.69 26.35
N ALA A 47 -9.80 -14.22 27.56
CA ALA A 47 -8.46 -13.82 28.01
C ALA A 47 -7.52 -15.00 28.24
N ALA A 48 -8.06 -16.21 28.16
CA ALA A 48 -7.31 -17.43 28.49
C ALA A 48 -6.19 -17.73 27.51
N HIS A 49 -6.47 -17.55 26.23
CA HIS A 49 -5.45 -17.66 25.18
C HIS A 49 -5.45 -16.43 24.28
N ASN A 50 -6.07 -15.35 24.78
CA ASN A 50 -6.14 -14.09 24.08
C ASN A 50 -6.71 -14.23 22.68
N THR A 51 -7.99 -14.62 22.64
CA THR A 51 -8.72 -14.73 21.38
C THR A 51 -9.86 -13.76 21.35
N VAL A 52 -10.34 -13.52 20.15
CA VAL A 52 -11.48 -12.63 19.92
C VAL A 52 -12.45 -13.34 18.98
N THR A 53 -13.73 -13.35 19.31
CA THR A 53 -14.70 -14.05 18.50
C THR A 53 -15.71 -13.09 17.87
N PHE A 54 -16.06 -13.36 16.62
CA PHE A 54 -17.07 -12.61 15.89
C PHE A 54 -18.15 -13.61 15.49
N ALA A 55 -19.41 -13.21 15.61
CA ALA A 55 -20.52 -14.05 15.20
C ALA A 55 -21.55 -13.23 14.46
N ALA A 56 -21.92 -13.67 13.27
CA ALA A 56 -22.84 -12.90 12.44
C ALA A 56 -23.69 -13.77 11.53
N GLY A 57 -24.89 -13.29 11.24
CA GLY A 57 -25.75 -13.95 10.27
C GLY A 57 -25.02 -14.01 8.93
N LEU A 58 -25.33 -15.04 8.14
CA LEU A 58 -24.66 -15.27 6.88
C LEU A 58 -24.87 -14.14 5.86
N HIS A 59 -25.79 -13.22 6.13
CA HIS A 59 -26.09 -12.14 5.20
C HIS A 59 -25.77 -10.79 5.81
N GLU A 60 -25.32 -10.79 7.05
CA GLU A 60 -24.97 -9.55 7.74
C GLU A 60 -23.55 -9.05 7.42
N CYS A 61 -23.29 -7.82 7.83
CA CYS A 61 -21.92 -7.31 7.89
C CYS A 61 -21.23 -7.20 6.52
N GLY A 62 -22.01 -7.17 5.44
CA GLY A 62 -21.48 -6.92 4.12
C GLY A 62 -20.93 -8.17 3.43
N SER A 63 -21.37 -9.33 3.88
CA SER A 63 -20.94 -10.55 3.20
C SER A 63 -21.50 -10.57 1.79
N VAL A 64 -20.95 -11.46 0.98
CA VAL A 64 -21.24 -11.52 -0.44
C VAL A 64 -21.52 -12.96 -0.80
N VAL A 65 -22.67 -13.23 -1.40
CA VAL A 65 -23.01 -14.61 -1.72
C VAL A 65 -22.86 -14.86 -3.20
N GLN A 66 -22.24 -15.99 -3.53
CA GLN A 66 -22.20 -16.47 -4.90
C GLN A 66 -23.04 -17.74 -4.94
N VAL A 67 -23.94 -17.84 -5.92
CA VAL A 67 -24.78 -19.04 -6.10
C VAL A 67 -24.30 -19.84 -7.30
N THR A 68 -23.69 -20.99 -7.03
CA THR A 68 -23.24 -21.87 -8.09
C THR A 68 -24.28 -22.96 -8.32
N PRO A 69 -24.08 -23.77 -9.35
CA PRO A 69 -25.09 -24.81 -9.66
C PRO A 69 -25.43 -25.71 -8.47
N ASP A 70 -24.45 -26.08 -7.66
CA ASP A 70 -24.72 -27.04 -6.60
C ASP A 70 -24.28 -26.57 -5.20
N THR A 71 -23.82 -25.32 -5.08
CA THR A 71 -23.40 -24.79 -3.79
C THR A 71 -23.69 -23.29 -3.58
N LEU A 72 -23.71 -22.90 -2.32
CA LEU A 72 -23.77 -21.48 -1.93
C LEU A 72 -22.49 -21.11 -1.21
N ILE A 73 -21.85 -20.04 -1.65
CA ILE A 73 -20.59 -19.58 -1.06
C ILE A 73 -20.78 -18.18 -0.49
N TYR A 74 -20.60 -18.06 0.83
CA TYR A 74 -20.65 -16.76 1.48
C TYR A 74 -19.22 -16.28 1.78
N ARG A 75 -18.91 -15.05 1.37
CA ARG A 75 -17.56 -14.51 1.50
C ARG A 75 -17.51 -13.20 2.25
N THR A 76 -16.57 -13.11 3.17
CA THR A 76 -16.43 -11.91 3.96
C THR A 76 -14.97 -11.80 4.36
N LEU A 77 -14.66 -10.98 5.35
CA LEU A 77 -13.28 -10.86 5.80
C LEU A 77 -13.13 -10.34 7.22
N ILE A 78 -11.97 -10.59 7.80
CA ILE A 78 -11.59 -9.94 9.04
C ILE A 78 -10.63 -8.80 8.72
N ASN A 79 -10.95 -7.62 9.23
CA ASN A 79 -10.12 -6.45 9.11
C ASN A 79 -9.23 -6.28 10.34
N TYR A 80 -7.94 -6.02 10.12
CA TYR A 80 -7.08 -5.51 11.18
C TYR A 80 -6.74 -4.08 10.81
N ASP A 81 -7.20 -3.16 11.64
CA ASP A 81 -6.91 -1.74 11.45
C ASP A 81 -6.24 -1.18 12.67
N PRO A 82 -4.90 -1.07 12.65
CA PRO A 82 -4.19 -0.58 13.82
C PRO A 82 -4.67 0.80 14.19
N SER A 83 -4.70 1.11 15.49
CA SER A 83 -5.10 2.45 15.91
C SER A 83 -4.01 3.46 15.55
N PRO A 84 -4.40 4.69 15.25
CA PRO A 84 -3.47 5.78 14.92
C PRO A 84 -2.34 6.00 15.94
N ALA A 85 -1.24 6.46 15.36
CA ALA A 85 -0.06 6.73 16.13
C ALA A 85 -0.31 7.95 17.03
N SER A 86 0.29 7.92 18.22
CA SER A 86 0.26 9.08 19.12
C SER A 86 0.47 10.35 18.29
N ASN A 87 1.44 10.30 17.38
CA ASN A 87 1.55 11.37 16.40
C ASN A 87 0.96 10.88 15.11
N PRO A 88 -0.11 11.52 14.65
CA PRO A 88 -0.84 11.11 13.45
C PRO A 88 0.01 11.15 12.16
N VAL A 89 1.04 12.01 12.13
CA VAL A 89 1.88 12.19 10.93
C VAL A 89 2.60 10.92 10.51
N ILE A 90 2.85 10.01 11.45
CA ILE A 90 3.53 8.77 11.13
C ILE A 90 2.61 7.55 11.19
N ILE A 91 3.12 6.43 10.67
CA ILE A 91 2.42 5.15 10.65
C ILE A 91 3.41 4.04 10.95
N ARG A 92 3.21 3.29 12.02
CA ARG A 92 4.13 2.21 12.37
C ARG A 92 3.66 0.83 11.92
N THR A 93 2.34 0.71 11.69
CA THR A 93 1.74 -0.58 11.35
C THR A 93 0.72 -0.51 10.20
N ASN A 94 0.84 -1.44 9.27
CA ASN A 94 -0.12 -1.50 8.17
C ASN A 94 -1.40 -2.28 8.47
N PRO A 95 -2.53 -1.83 7.90
CA PRO A 95 -3.79 -2.57 7.99
C PRO A 95 -3.66 -3.91 7.27
N ALA A 96 -4.32 -4.95 7.78
CA ALA A 96 -4.34 -6.26 7.14
C ALA A 96 -5.81 -6.66 6.85
N VAL A 97 -5.97 -7.69 6.03
CA VAL A 97 -7.27 -8.21 5.66
C VAL A 97 -7.18 -9.71 5.50
N ILE A 98 -8.13 -10.41 6.10
CA ILE A 98 -8.13 -11.87 6.06
C ILE A 98 -9.42 -12.40 5.43
N PRO A 99 -9.30 -13.09 4.30
CA PRO A 99 -10.45 -13.60 3.57
C PRO A 99 -11.14 -14.66 4.41
N ILE A 100 -12.48 -14.66 4.43
CA ILE A 100 -13.27 -15.67 5.15
C ILE A 100 -14.31 -16.27 4.18
N GLU A 101 -14.42 -17.60 4.19
CA GLU A 101 -15.32 -18.28 3.26
C GLU A 101 -16.20 -19.35 3.93
N CYS A 102 -17.42 -19.48 3.47
CA CYS A 102 -18.35 -20.48 3.99
C CYS A 102 -19.09 -21.16 2.83
N HIS A 103 -19.00 -22.49 2.80
CA HIS A 103 -19.62 -23.28 1.74
C HIS A 103 -20.82 -24.09 2.27
N TYR A 104 -21.92 -24.07 1.53
CA TYR A 104 -23.10 -24.83 1.89
C TYR A 104 -23.70 -25.53 0.66
N PRO A 105 -24.06 -26.81 0.78
CA PRO A 105 -24.70 -27.50 -0.34
C PRO A 105 -26.09 -26.89 -0.58
N ARG A 106 -26.51 -26.75 -1.83
CA ARG A 106 -27.87 -26.28 -2.12
C ARG A 106 -28.94 -27.37 -1.93
N ARG A 107 -30.16 -27.08 -2.34
CA ARG A 107 -31.25 -28.00 -2.13
C ARG A 107 -31.77 -28.52 -3.48
N PRO A 117 -43.80 -27.69 -18.83
CA PRO A 117 -44.44 -26.38 -18.68
C PRO A 117 -43.42 -25.27 -18.45
N THR A 118 -42.63 -24.93 -19.47
CA THR A 118 -41.62 -23.88 -19.32
C THR A 118 -42.30 -22.50 -19.33
N TRP A 119 -41.54 -21.46 -18.98
CA TRP A 119 -42.08 -20.12 -18.68
C TRP A 119 -41.21 -18.93 -19.18
N SER A 120 -41.78 -17.72 -19.17
CA SER A 120 -41.06 -16.51 -19.56
C SER A 120 -41.10 -15.49 -18.42
N PRO A 121 -39.95 -14.87 -18.12
CA PRO A 121 -39.76 -13.80 -17.12
C PRO A 121 -40.54 -12.51 -17.40
N PHE A 122 -40.95 -12.32 -18.65
CA PHE A 122 -41.64 -11.11 -19.08
C PHE A 122 -43.16 -11.23 -18.90
N ASN A 123 -43.74 -12.32 -19.40
CA ASN A 123 -45.19 -12.48 -19.29
C ASN A 123 -45.69 -12.82 -17.88
N SER A 124 -44.99 -13.70 -17.17
CA SER A 124 -45.45 -14.07 -15.83
C SER A 124 -44.49 -14.93 -15.02
N ALA A 125 -44.74 -14.96 -13.71
CA ALA A 125 -43.98 -15.76 -12.76
C ALA A 125 -44.93 -16.44 -11.79
N LEU A 126 -45.65 -17.46 -12.26
CA LEU A 126 -46.63 -18.17 -11.42
C LEU A 126 -45.97 -18.83 -10.20
N SER A 127 -44.88 -19.54 -10.45
CA SER A 127 -44.20 -20.28 -9.38
C SER A 127 -43.23 -19.40 -8.60
N ALA A 128 -43.11 -19.67 -7.30
CA ALA A 128 -42.05 -19.09 -6.50
C ALA A 128 -40.74 -19.53 -7.13
N GLU A 129 -40.82 -20.73 -7.70
CA GLU A 129 -39.69 -21.43 -8.30
C GLU A 129 -39.29 -20.83 -9.65
N GLU A 130 -40.18 -20.06 -10.27
CA GLU A 130 -39.87 -19.40 -11.54
C GLU A 130 -39.03 -18.15 -11.33
N ARG A 131 -37.75 -18.35 -11.01
CA ARG A 131 -36.88 -17.21 -10.70
C ARG A 131 -35.51 -17.39 -11.33
N LEU A 132 -35.07 -16.36 -12.04
CA LEU A 132 -33.75 -16.38 -12.66
C LEU A 132 -32.68 -16.19 -11.61
N VAL A 133 -31.62 -16.98 -11.70
CA VAL A 133 -30.46 -16.77 -10.85
C VAL A 133 -29.27 -16.25 -11.66
N PHE A 134 -28.91 -14.99 -11.43
CA PHE A 134 -27.73 -14.38 -12.05
C PHE A 134 -26.48 -14.67 -11.21
N SER A 135 -25.33 -14.72 -11.85
CA SER A 135 -24.07 -14.91 -11.14
C SER A 135 -22.88 -14.31 -11.90
N LEU A 136 -21.90 -13.79 -11.16
CA LEU A 136 -20.60 -13.40 -11.71
C LEU A 136 -19.55 -14.33 -11.16
N ARG A 137 -18.67 -14.79 -12.03
CA ARG A 137 -17.61 -15.69 -11.63
C ARG A 137 -16.27 -15.11 -12.09
N LEU A 138 -15.24 -15.26 -11.26
CA LEU A 138 -13.89 -14.86 -11.60
C LEU A 138 -13.18 -16.06 -12.19
N MET A 139 -12.72 -15.96 -13.43
CA MET A 139 -12.25 -17.11 -14.18
C MET A 139 -10.79 -17.00 -14.50
N SER A 140 -10.18 -18.14 -14.81
CA SER A 140 -8.76 -18.19 -15.14
C SER A 140 -8.58 -17.67 -16.55
N ASP A 141 -7.33 -17.34 -16.90
CA ASP A 141 -6.97 -16.75 -18.19
C ASP A 141 -7.59 -17.51 -19.36
N ASP A 142 -7.73 -18.82 -19.20
CA ASP A 142 -8.20 -19.68 -20.28
C ASP A 142 -9.72 -19.93 -20.22
N TRP A 143 -10.37 -19.41 -19.19
CA TRP A 143 -11.84 -19.53 -19.02
C TRP A 143 -12.29 -20.95 -18.73
N SER A 144 -11.33 -21.86 -18.54
CA SER A 144 -11.69 -23.26 -18.27
C SER A 144 -12.35 -23.39 -16.91
N THR A 145 -11.76 -22.79 -15.89
CA THR A 145 -12.26 -22.96 -14.53
C THR A 145 -12.26 -21.66 -13.76
N GLU A 146 -12.91 -21.71 -12.61
CA GLU A 146 -12.96 -20.58 -11.71
C GLU A 146 -11.61 -20.45 -11.02
N ARG A 147 -11.27 -19.24 -10.60
CA ARG A 147 -9.99 -19.00 -9.95
C ARG A 147 -10.14 -18.20 -8.66
N PRO A 148 -9.12 -18.28 -7.79
CA PRO A 148 -9.04 -17.59 -6.50
C PRO A 148 -9.13 -16.06 -6.59
N PHE A 149 -9.68 -15.48 -5.52
CA PHE A 149 -9.87 -14.05 -5.42
C PHE A 149 -8.63 -13.34 -4.92
N THR A 150 -7.56 -14.11 -4.74
CA THR A 150 -6.33 -13.59 -4.17
C THR A 150 -5.17 -13.70 -5.15
N GLY A 151 -4.15 -12.88 -4.94
CA GLY A 151 -2.90 -13.00 -5.67
C GLY A 151 -2.79 -12.05 -6.85
N PHE A 152 -3.65 -11.04 -6.87
CA PHE A 152 -3.70 -10.11 -7.99
C PHE A 152 -2.66 -9.02 -7.82
N GLN A 153 -2.06 -8.61 -8.93
CA GLN A 153 -1.14 -7.49 -8.97
C GLN A 153 -1.58 -6.55 -10.07
N LEU A 154 -1.20 -5.26 -9.98
CA LEU A 154 -1.32 -4.36 -11.13
C LEU A 154 -0.58 -4.96 -12.33
N GLY A 155 -1.26 -4.98 -13.49
CA GLY A 155 -0.71 -5.65 -14.65
C GLY A 155 -1.38 -6.98 -14.92
N ASP A 156 -2.06 -7.51 -13.92
CA ASP A 156 -2.86 -8.72 -14.08
C ASP A 156 -4.21 -8.35 -14.70
N ILE A 157 -4.95 -9.37 -15.12
CA ILE A 157 -6.23 -9.15 -15.77
C ILE A 157 -7.33 -9.99 -15.15
N LEU A 158 -8.41 -9.31 -14.77
CA LEU A 158 -9.60 -10.01 -14.28
C LEU A 158 -10.42 -10.51 -15.44
N ASN A 159 -10.61 -11.83 -15.51
CA ASN A 159 -11.53 -12.43 -16.48
C ASN A 159 -12.87 -12.68 -15.81
N ILE A 160 -13.85 -11.83 -16.10
CA ILE A 160 -15.16 -11.97 -15.48
C ILE A 160 -16.19 -12.63 -16.40
N GLN A 161 -16.90 -13.62 -15.87
CA GLN A 161 -17.95 -14.31 -16.62
C GLN A 161 -19.29 -14.04 -15.97
N ALA A 162 -20.17 -13.38 -16.71
CA ALA A 162 -21.56 -13.19 -16.30
C ALA A 162 -22.42 -14.28 -16.93
N GLU A 163 -23.32 -14.85 -16.15
CA GLU A 163 -24.23 -15.87 -16.66
C GLU A 163 -25.57 -15.86 -15.95
N VAL A 164 -26.56 -16.45 -16.59
CA VAL A 164 -27.87 -16.55 -15.99
C VAL A 164 -28.33 -17.98 -16.17
N SER A 165 -29.08 -18.48 -15.18
CA SER A 165 -29.52 -19.88 -15.13
C SER A 165 -30.30 -20.27 -16.38
N THR A 166 -30.17 -21.53 -16.81
CA THR A 166 -30.70 -22.00 -18.09
C THR A 166 -31.81 -23.06 -18.01
N GLU A 167 -32.66 -23.04 -16.98
CA GLU A 167 -33.57 -24.16 -16.76
C GLU A 167 -35.06 -23.81 -16.90
N ASN A 168 -35.70 -24.48 -17.87
CA ASN A 168 -37.15 -24.43 -17.97
C ASN A 168 -37.64 -23.02 -18.25
N HIS A 169 -36.96 -22.30 -19.12
CA HIS A 169 -37.43 -20.98 -19.53
C HIS A 169 -37.06 -20.79 -20.98
N VAL A 170 -37.55 -19.69 -21.56
CA VAL A 170 -37.29 -19.39 -22.97
C VAL A 170 -35.86 -18.91 -23.15
N PRO A 171 -35.28 -19.14 -24.35
CA PRO A 171 -33.91 -18.71 -24.59
C PRO A 171 -33.73 -17.20 -24.33
N LEU A 172 -32.68 -16.86 -23.58
CA LEU A 172 -32.41 -15.48 -23.22
C LEU A 172 -31.04 -15.06 -23.72
N ARG A 173 -30.87 -13.75 -23.83
CA ARG A 173 -29.57 -13.16 -24.11
C ARG A 173 -29.25 -12.27 -22.95
N LEU A 174 -28.06 -12.45 -22.39
CA LEU A 174 -27.64 -11.71 -21.19
C LEU A 174 -26.86 -10.41 -21.52
N PHE A 175 -27.13 -9.38 -20.74
CA PHE A 175 -26.45 -8.10 -20.90
C PHE A 175 -25.98 -7.57 -19.55
N VAL A 176 -24.91 -6.78 -19.55
CA VAL A 176 -24.45 -6.10 -18.37
C VAL A 176 -24.62 -4.60 -18.54
N ASP A 177 -25.51 -4.01 -17.76
CA ASP A 177 -25.85 -2.61 -17.89
C ASP A 177 -24.76 -1.73 -17.33
N SER A 178 -24.16 -2.20 -16.24
CA SER A 178 -23.15 -1.43 -15.53
C SER A 178 -22.43 -2.26 -14.50
N CYS A 179 -21.13 -2.00 -14.36
CA CYS A 179 -20.34 -2.53 -13.26
C CYS A 179 -19.66 -1.35 -12.56
N VAL A 180 -19.57 -1.41 -11.24
CA VAL A 180 -18.92 -0.36 -10.49
C VAL A 180 -18.09 -0.98 -9.41
N ALA A 181 -16.82 -0.56 -9.35
CA ALA A 181 -15.90 -1.00 -8.31
C ALA A 181 -15.91 -0.05 -7.13
N ALA A 182 -15.74 -0.60 -5.93
CA ALA A 182 -15.68 0.24 -4.73
C ALA A 182 -14.94 -0.53 -3.65
N LEU A 183 -14.87 0.04 -2.46
CA LEU A 183 -14.16 -0.61 -1.35
C LEU A 183 -15.11 -1.45 -0.48
N SER A 184 -16.39 -1.42 -0.86
CA SER A 184 -17.41 -2.24 -0.20
C SER A 184 -18.42 -2.67 -1.23
N PRO A 185 -19.31 -3.62 -0.88
CA PRO A 185 -20.39 -4.07 -1.77
C PRO A 185 -21.38 -2.95 -2.15
N ASP A 186 -21.36 -1.84 -1.43
CA ASP A 186 -22.13 -0.66 -1.81
C ASP A 186 -21.38 0.18 -2.87
N GLY A 187 -21.87 0.14 -4.10
CA GLY A 187 -21.26 0.86 -5.20
C GLY A 187 -21.50 2.36 -5.18
N ASP A 188 -22.41 2.82 -4.34
CA ASP A 188 -22.72 4.24 -4.23
C ASP A 188 -21.85 4.91 -3.16
N SER A 189 -20.85 4.19 -2.67
CA SER A 189 -19.96 4.73 -1.66
C SER A 189 -18.71 5.33 -2.30
N SER A 190 -17.97 6.12 -1.54
CA SER A 190 -16.73 6.70 -2.04
C SER A 190 -15.54 5.99 -1.42
N PRO A 191 -14.51 5.70 -2.25
CA PRO A 191 -14.48 5.99 -3.69
C PRO A 191 -15.14 4.88 -4.49
N HIS A 192 -15.42 5.15 -5.76
CA HIS A 192 -15.95 4.16 -6.67
C HIS A 192 -15.53 4.53 -8.09
N TYR A 193 -15.55 3.55 -8.97
CA TYR A 193 -15.14 3.76 -10.34
C TYR A 193 -15.99 2.89 -11.27
N ALA A 194 -16.50 3.48 -12.33
CA ALA A 194 -17.37 2.77 -13.27
C ALA A 194 -16.59 2.05 -14.36
N ILE A 195 -16.59 0.73 -14.30
CA ILE A 195 -16.02 -0.10 -15.35
C ILE A 195 -16.93 -0.18 -16.59
N ILE A 196 -18.19 -0.52 -16.37
CA ILE A 196 -19.21 -0.51 -17.43
C ILE A 196 -20.29 0.49 -17.07
N ASP A 197 -20.77 1.22 -18.05
CA ASP A 197 -21.75 2.26 -17.81
C ASP A 197 -22.56 2.54 -19.08
N PHE A 198 -23.57 3.41 -19.00
CA PHE A 198 -24.38 3.76 -20.15
C PHE A 198 -24.98 2.55 -20.85
N ASN A 199 -25.48 1.60 -20.07
CA ASN A 199 -26.19 0.47 -20.63
C ASN A 199 -25.30 -0.36 -21.56
N GLY A 200 -24.20 -0.87 -21.02
CA GLY A 200 -23.38 -1.82 -21.74
C GLY A 200 -22.09 -1.30 -22.35
N CYS A 201 -21.80 -0.01 -22.19
CA CYS A 201 -20.56 0.54 -22.70
C CYS A 201 -19.40 0.26 -21.74
N LEU A 202 -18.43 -0.51 -22.20
CA LEU A 202 -17.27 -0.80 -21.34
C LEU A 202 -16.28 0.37 -21.40
N VAL A 203 -16.54 1.38 -20.57
CA VAL A 203 -15.84 2.65 -20.63
C VAL A 203 -14.41 2.59 -20.10
N ASP A 204 -14.08 1.54 -19.35
CA ASP A 204 -12.73 1.39 -18.84
C ASP A 204 -11.74 1.19 -19.96
N GLY A 205 -12.17 0.58 -21.06
CA GLY A 205 -11.30 0.30 -22.20
C GLY A 205 -11.19 1.45 -23.20
N ARG A 206 -11.76 2.59 -22.84
CA ARG A 206 -11.76 3.75 -23.70
C ARG A 206 -10.60 4.67 -23.41
N VAL A 207 -10.05 4.55 -22.20
CA VAL A 207 -9.06 5.50 -21.69
C VAL A 207 -7.69 4.84 -21.42
N ASP A 208 -6.68 5.68 -21.21
CA ASP A 208 -5.35 5.24 -20.82
C ASP A 208 -4.81 4.12 -21.73
N ASP A 209 -4.15 3.13 -21.17
CA ASP A 209 -3.59 2.04 -21.97
C ASP A 209 -4.19 0.68 -21.63
N THR A 210 -5.48 0.69 -21.31
CA THR A 210 -6.18 -0.55 -20.91
C THR A 210 -6.55 -1.40 -22.12
N SER A 211 -6.68 -2.70 -21.90
CA SER A 211 -7.10 -3.62 -22.95
C SER A 211 -8.47 -4.21 -22.60
N SER A 212 -9.20 -3.50 -21.74
CA SER A 212 -10.49 -3.95 -21.24
C SER A 212 -11.53 -4.02 -22.34
N ALA A 213 -12.19 -5.17 -22.42
CA ALA A 213 -13.13 -5.41 -23.49
C ALA A 213 -14.04 -6.63 -23.22
N PHE A 214 -15.19 -6.65 -23.89
CA PHE A 214 -16.02 -7.85 -23.95
C PHE A 214 -15.40 -8.83 -24.91
N ILE A 215 -15.49 -10.11 -24.58
CA ILE A 215 -14.99 -11.17 -25.45
C ILE A 215 -16.05 -11.60 -26.49
N THR A 216 -15.58 -11.82 -27.72
CA THR A 216 -16.43 -12.31 -28.81
C THR A 216 -15.76 -13.52 -29.45
N PRO A 217 -16.55 -14.52 -29.82
CA PRO A 217 -18.00 -14.57 -29.64
C PRO A 217 -18.38 -15.09 -28.26
N ARG A 218 -19.67 -15.08 -27.94
CA ARG A 218 -20.12 -15.65 -26.68
C ARG A 218 -20.13 -17.17 -26.76
N PRO A 219 -20.06 -17.85 -25.60
CA PRO A 219 -20.21 -19.31 -25.52
C PRO A 219 -21.66 -19.73 -25.71
N ARG A 220 -22.57 -19.00 -25.08
CA ARG A 220 -24.00 -19.12 -25.29
C ARG A 220 -24.55 -17.71 -25.27
N GLU A 221 -25.77 -17.51 -25.73
CA GLU A 221 -26.31 -16.16 -25.77
C GLU A 221 -26.63 -15.65 -24.36
N ASP A 222 -26.69 -16.57 -23.42
CA ASP A 222 -27.01 -16.22 -22.04
C ASP A 222 -25.75 -16.12 -21.19
N VAL A 223 -24.61 -15.94 -21.85
CA VAL A 223 -23.34 -15.71 -21.17
C VAL A 223 -22.59 -14.54 -21.80
N LEU A 224 -22.01 -13.71 -20.96
CA LEU A 224 -21.25 -12.54 -21.42
C LEU A 224 -19.96 -12.48 -20.66
N ARG A 225 -18.85 -12.50 -21.41
CA ARG A 225 -17.52 -12.47 -20.81
C ARG A 225 -16.81 -11.15 -21.08
N PHE A 226 -15.98 -10.73 -20.14
CA PHE A 226 -15.16 -9.55 -20.38
C PHE A 226 -13.89 -9.55 -19.54
N ARG A 227 -12.88 -8.86 -20.04
CA ARG A 227 -11.57 -8.77 -19.39
C ARG A 227 -11.36 -7.35 -18.89
N ILE A 228 -10.93 -7.23 -17.65
CA ILE A 228 -10.70 -5.92 -17.04
C ILE A 228 -9.28 -5.84 -16.50
N ASP A 229 -8.56 -4.80 -16.88
CA ASP A 229 -7.20 -4.60 -16.34
C ASP A 229 -7.30 -4.21 -14.88
N VAL A 230 -6.56 -4.94 -14.05
CA VAL A 230 -6.60 -4.73 -12.61
C VAL A 230 -6.18 -3.32 -12.22
N PHE A 231 -6.79 -2.81 -11.16
CA PHE A 231 -6.43 -1.49 -10.64
C PHE A 231 -6.71 -1.45 -9.14
N ARG A 232 -6.34 -0.35 -8.50
CA ARG A 232 -6.56 -0.22 -7.08
C ARG A 232 -6.93 1.20 -6.77
N PHE A 233 -7.49 1.43 -5.59
CA PHE A 233 -7.96 2.75 -5.25
C PHE A 233 -6.87 3.50 -4.52
N ALA A 234 -6.71 4.75 -4.92
CA ALA A 234 -5.74 5.62 -4.28
C ALA A 234 -6.12 5.79 -2.81
N GLY A 235 -5.13 5.73 -1.92
CA GLY A 235 -5.34 6.00 -0.51
C GLY A 235 -5.82 4.79 0.27
N ASP A 236 -6.13 3.72 -0.46
CA ASP A 236 -6.61 2.51 0.15
C ASP A 236 -5.48 1.58 0.55
N ASN A 237 -5.27 1.39 1.85
CA ASN A 237 -4.19 0.52 2.30
C ASN A 237 -4.61 -0.91 2.65
N ARG A 238 -5.89 -1.23 2.40
CA ARG A 238 -6.37 -2.59 2.59
C ARG A 238 -6.20 -3.39 1.30
N ASN A 239 -6.20 -2.70 0.16
CA ASN A 239 -5.91 -3.36 -1.11
C ASN A 239 -6.94 -4.40 -1.50
N LEU A 240 -8.20 -3.99 -1.50
CA LEU A 240 -9.26 -4.86 -1.96
C LEU A 240 -10.16 -4.12 -2.93
N ILE A 241 -10.98 -4.90 -3.65
CA ILE A 241 -11.91 -4.35 -4.64
C ILE A 241 -13.18 -5.17 -4.61
N TYR A 242 -14.33 -4.52 -4.51
CA TYR A 242 -15.62 -5.19 -4.77
C TYR A 242 -16.16 -4.65 -6.06
N ILE A 243 -16.86 -5.49 -6.82
CA ILE A 243 -17.49 -5.07 -8.07
C ILE A 243 -18.96 -5.45 -8.11
N THR A 244 -19.83 -4.45 -8.17
CA THR A 244 -21.26 -4.70 -8.25
C THR A 244 -21.79 -4.41 -9.66
N CYS A 245 -22.30 -5.44 -10.33
CA CYS A 245 -22.89 -5.30 -11.66
C CYS A 245 -24.42 -5.39 -11.68
N HIS A 246 -25.00 -4.75 -12.68
CA HIS A 246 -26.41 -4.82 -12.94
C HIS A 246 -26.59 -5.61 -14.20
N LEU A 247 -27.09 -6.83 -14.07
CA LEU A 247 -27.34 -7.69 -15.20
C LEU A 247 -28.81 -7.60 -15.59
N LYS A 248 -29.09 -7.88 -16.86
CA LYS A 248 -30.46 -7.94 -17.35
C LYS A 248 -30.53 -8.85 -18.54
N VAL A 249 -31.75 -9.30 -18.88
CA VAL A 249 -31.96 -10.19 -20.04
C VAL A 249 -33.02 -9.67 -21.00
N THR A 250 -32.88 -10.11 -22.24
CA THR A 250 -33.91 -9.92 -23.24
C THR A 250 -34.11 -11.24 -23.96
N PRO A 251 -35.20 -11.37 -24.71
CA PRO A 251 -35.39 -12.59 -25.51
C PRO A 251 -34.22 -12.83 -26.46
N ALA A 252 -33.87 -14.09 -26.65
CA ALA A 252 -32.61 -14.48 -27.29
C ALA A 252 -32.44 -14.03 -28.73
N ASP A 253 -33.49 -13.54 -29.36
CA ASP A 253 -33.41 -13.16 -30.77
C ASP A 253 -33.83 -11.72 -31.00
N GLN A 254 -33.89 -10.97 -29.93
CA GLN A 254 -34.29 -9.58 -30.01
C GLN A 254 -33.13 -8.73 -30.47
N GLY A 255 -33.41 -7.83 -31.40
CA GLY A 255 -32.36 -6.95 -31.91
C GLY A 255 -31.76 -6.12 -30.80
N PRO A 256 -30.42 -6.09 -30.70
CA PRO A 256 -29.79 -5.16 -29.76
C PRO A 256 -30.02 -3.71 -30.14
N ASP A 257 -30.01 -2.83 -29.16
CA ASP A 257 -30.23 -1.40 -29.39
C ASP A 257 -29.49 -0.62 -28.34
N PRO A 258 -29.51 0.72 -28.42
CA PRO A 258 -28.76 1.60 -27.52
C PRO A 258 -29.11 1.44 -26.05
N GLN A 259 -30.10 0.62 -25.74
CA GLN A 259 -30.46 0.41 -24.35
C GLN A 259 -30.07 -0.99 -23.93
N ASN A 260 -29.87 -1.88 -24.90
CA ASN A 260 -29.55 -3.28 -24.65
C ASN A 260 -28.41 -3.75 -25.53
N LYS A 261 -27.19 -3.67 -25.03
CA LYS A 261 -26.00 -3.91 -25.87
C LYS A 261 -24.77 -4.22 -25.04
N ALA A 262 -23.73 -4.68 -25.72
CA ALA A 262 -22.42 -4.89 -25.11
C ALA A 262 -21.35 -4.34 -26.04
N CYS A 263 -20.87 -3.14 -25.72
CA CYS A 263 -19.91 -2.44 -26.56
C CYS A 263 -18.56 -2.28 -25.90
N SER A 264 -17.52 -2.53 -26.69
CA SER A 264 -16.15 -2.35 -26.25
C SER A 264 -15.50 -1.27 -27.08
N PHE A 265 -14.53 -0.55 -26.52
CA PHE A 265 -13.71 0.36 -27.33
C PHE A 265 -12.45 -0.34 -27.76
N ASN A 266 -12.22 -0.34 -29.07
CA ASN A 266 -11.04 -0.93 -29.67
C ASN A 266 -10.04 0.18 -29.95
N LYS A 267 -8.96 0.25 -29.15
CA LYS A 267 -7.95 1.29 -29.31
C LYS A 267 -7.23 1.16 -30.65
N ALA A 268 -7.02 -0.08 -31.10
CA ALA A 268 -6.34 -0.33 -32.38
C ALA A 268 -7.13 0.23 -33.57
N ARG A 269 -8.46 0.20 -33.53
CA ARG A 269 -9.26 0.77 -34.64
C ARG A 269 -9.88 2.11 -34.29
N ASN A 270 -9.72 2.52 -33.04
CA ASN A 270 -10.33 3.75 -32.55
C ASN A 270 -11.82 3.77 -32.87
N THR A 271 -12.52 2.71 -32.48
CA THR A 271 -13.98 2.65 -32.63
C THR A 271 -14.60 1.78 -31.56
N TRP A 272 -15.91 1.94 -31.38
CA TRP A 272 -16.68 1.07 -30.51
C TRP A 272 -17.18 -0.14 -31.33
N VAL A 273 -17.23 -1.30 -30.70
CA VAL A 273 -17.58 -2.53 -31.38
C VAL A 273 -18.49 -3.35 -30.51
N PRO A 274 -19.73 -3.62 -30.98
CA PRO A 274 -20.65 -4.45 -30.21
C PRO A 274 -20.30 -5.93 -30.31
N VAL A 275 -20.69 -6.73 -29.31
CA VAL A 275 -20.49 -8.17 -29.33
C VAL A 275 -21.41 -8.79 -30.39
N GLU A 276 -22.61 -8.22 -30.49
CA GLU A 276 -23.51 -8.48 -31.61
C GLU A 276 -24.35 -7.25 -31.86
N GLY A 277 -24.90 -7.16 -33.05
CA GLY A 277 -25.72 -6.03 -33.43
C GLY A 277 -25.06 -5.15 -34.46
N SER A 278 -25.75 -4.10 -34.86
CA SER A 278 -25.24 -3.19 -35.87
C SER A 278 -24.21 -2.23 -35.26
N ARG A 279 -23.20 -1.88 -36.04
CA ARG A 279 -22.06 -1.14 -35.52
C ARG A 279 -22.48 0.17 -34.88
N ASP A 280 -23.54 0.76 -35.41
CA ASP A 280 -23.91 2.13 -35.03
C ASP A 280 -24.71 2.19 -33.73
N VAL A 281 -24.96 1.03 -33.13
CA VAL A 281 -25.68 1.00 -31.86
C VAL A 281 -24.82 1.54 -30.74
N CYS A 282 -23.50 1.52 -30.93
CA CYS A 282 -22.55 1.96 -29.92
C CYS A 282 -22.26 3.46 -29.99
N ASN A 283 -22.91 4.18 -30.90
CA ASN A 283 -22.60 5.59 -31.08
C ASN A 283 -22.81 6.41 -29.82
N CYS A 284 -23.85 6.09 -29.07
CA CYS A 284 -24.17 6.86 -27.87
C CYS A 284 -23.14 6.64 -26.75
N CYS A 285 -22.29 5.63 -26.89
CA CYS A 285 -21.24 5.36 -25.92
C CYS A 285 -20.22 6.51 -25.88
N GLU A 286 -19.82 6.99 -27.05
CA GLU A 286 -18.84 8.07 -27.16
C GLU A 286 -19.39 9.39 -26.62
N THR A 287 -20.70 9.61 -26.78
CA THR A 287 -21.34 10.83 -26.32
C THR A 287 -21.59 10.76 -24.82
N GLY A 288 -21.58 9.55 -24.27
CA GLY A 288 -21.70 9.36 -22.83
C GLY A 288 -23.12 9.36 -22.30
N ASN A 289 -24.08 9.27 -23.21
CA ASN A 289 -25.49 9.27 -22.82
C ASN A 289 -26.27 8.35 -23.75
N CYS A 290 -26.74 7.23 -23.20
CA CYS A 290 -27.50 6.26 -23.96
C CYS A 290 -28.92 6.15 -23.40
N GLU A 291 -29.42 7.29 -22.92
CA GLU A 291 -30.75 7.34 -22.32
C GLU A 291 -31.77 7.76 -23.36
N PRO A 292 -32.88 7.01 -23.46
CA PRO A 292 -33.94 7.36 -24.42
C PRO A 292 -34.51 8.74 -24.12
N PRO A 293 -34.70 9.57 -25.16
CA PRO A 293 -35.32 10.89 -25.02
C PRO A 293 -36.79 10.78 -24.60
N THR B 2 21.01 -3.02 -16.85
CA THR B 2 19.80 -2.54 -16.18
C THR B 2 19.32 -1.20 -16.76
N PRO B 3 18.05 -0.83 -16.47
CA PRO B 3 17.51 0.43 -16.95
C PRO B 3 18.03 1.70 -16.28
N VAL B 4 19.06 1.65 -15.42
CA VAL B 4 19.63 2.86 -14.79
C VAL B 4 21.15 2.89 -14.78
N ALA B 5 21.72 3.82 -15.55
CA ALA B 5 23.17 3.98 -15.61
C ALA B 5 23.58 5.17 -14.72
N VAL B 6 24.59 4.98 -13.89
CA VAL B 6 25.10 6.07 -13.06
C VAL B 6 26.57 6.34 -13.31
N GLN B 7 26.87 7.57 -13.74
CA GLN B 7 28.24 8.02 -13.95
C GLN B 7 28.67 8.86 -12.75
N CYS B 8 29.58 8.32 -11.95
CA CYS B 8 30.10 9.06 -10.81
C CYS B 8 31.34 9.84 -11.25
N GLN B 9 31.13 11.11 -11.60
CA GLN B 9 32.20 11.93 -12.10
C GLN B 9 32.81 12.80 -10.98
N GLU B 10 33.68 13.73 -11.36
CA GLU B 10 34.59 14.43 -10.43
C GLU B 10 33.90 15.25 -9.35
N ALA B 11 32.90 16.03 -9.76
CA ALA B 11 32.13 16.86 -8.86
C ALA B 11 30.65 16.83 -9.27
N GLN B 12 30.26 15.82 -10.03
CA GLN B 12 28.88 15.67 -10.42
C GLN B 12 28.57 14.21 -10.69
N LEU B 13 27.27 13.87 -10.65
CA LEU B 13 26.81 12.56 -11.11
C LEU B 13 25.87 12.75 -12.27
N VAL B 14 25.88 11.79 -13.18
CA VAL B 14 25.00 11.80 -14.34
C VAL B 14 24.25 10.47 -14.38
N VAL B 15 22.94 10.55 -14.22
CA VAL B 15 22.08 9.38 -14.23
C VAL B 15 21.26 9.28 -15.51
N THR B 16 21.36 8.14 -16.18
CA THR B 16 20.57 7.93 -17.39
C THR B 16 19.53 6.81 -17.16
N VAL B 17 18.28 7.15 -17.42
CA VAL B 17 17.16 6.25 -17.16
C VAL B 17 16.37 5.91 -18.42
N HIS B 18 16.17 4.62 -18.68
CA HIS B 18 15.28 4.28 -19.80
C HIS B 18 13.80 4.44 -19.43
N ARG B 19 13.02 4.98 -20.36
CA ARG B 19 11.61 5.19 -20.14
C ARG B 19 10.84 3.87 -20.15
N ASP B 20 11.38 2.85 -20.82
CA ASP B 20 10.90 1.48 -20.66
C ASP B 20 11.50 0.93 -19.37
N LEU B 21 11.12 1.54 -18.29
CA LEU B 21 11.77 1.33 -17.00
C LEU B 21 11.48 -0.05 -16.41
N PHE B 22 10.33 -0.63 -16.67
CA PHE B 22 9.99 -1.90 -16.02
C PHE B 22 10.12 -3.12 -16.94
N GLY B 23 10.53 -2.88 -18.18
CA GLY B 23 10.83 -3.98 -19.09
C GLY B 23 9.60 -4.64 -19.69
N THR B 24 8.54 -3.87 -19.78
CA THR B 24 7.27 -4.35 -20.29
C THR B 24 7.01 -3.79 -21.68
N GLY B 25 7.86 -2.87 -22.12
CA GLY B 25 7.66 -2.20 -23.39
C GLY B 25 6.91 -0.90 -23.26
N ARG B 26 6.20 -0.71 -22.14
CA ARG B 26 5.39 0.51 -21.95
C ARG B 26 6.26 1.66 -21.47
N LEU B 27 6.28 2.76 -22.21
CA LEU B 27 7.18 3.86 -21.89
C LEU B 27 6.53 4.82 -20.89
N ILE B 28 7.25 5.14 -19.83
CA ILE B 28 6.78 6.11 -18.87
C ILE B 28 7.00 7.53 -19.39
N ASN B 29 6.31 8.48 -18.80
CA ASN B 29 6.46 9.88 -19.19
C ASN B 29 7.73 10.45 -18.61
N ALA B 30 8.49 11.15 -19.42
CA ALA B 30 9.73 11.73 -18.95
C ALA B 30 9.51 12.59 -17.71
N ALA B 31 8.47 13.43 -17.74
CA ALA B 31 8.21 14.36 -16.64
C ALA B 31 7.84 13.70 -15.31
N ASP B 32 7.56 12.40 -15.34
CA ASP B 32 7.21 11.67 -14.14
C ASP B 32 8.47 11.20 -13.38
N LEU B 33 9.66 11.46 -13.95
CA LEU B 33 10.92 11.14 -13.31
C LEU B 33 11.58 12.40 -12.74
N THR B 34 12.12 12.29 -11.52
CA THR B 34 12.85 13.37 -10.89
C THR B 34 14.01 12.83 -10.09
N LEU B 35 14.93 13.71 -9.71
CA LEU B 35 16.14 13.32 -8.99
C LEU B 35 16.18 13.84 -7.57
N GLY B 36 16.43 12.94 -6.63
CA GLY B 36 16.56 13.29 -5.23
C GLY B 36 15.26 13.73 -4.58
N PRO B 37 15.27 13.89 -3.25
CA PRO B 37 14.12 14.35 -2.47
C PRO B 37 13.63 15.71 -2.92
N ALA B 38 14.46 16.43 -3.66
CA ALA B 38 14.16 17.78 -4.11
C ALA B 38 13.32 17.74 -5.38
N ALA B 39 13.29 16.59 -6.03
CA ALA B 39 12.56 16.45 -7.28
C ALA B 39 13.09 17.36 -8.38
N CYS B 40 14.39 17.26 -8.66
CA CYS B 40 15.01 18.08 -9.70
C CYS B 40 14.59 17.52 -11.05
N LYS B 41 14.32 18.41 -11.99
CA LYS B 41 13.83 17.96 -13.30
C LYS B 41 15.00 17.46 -14.11
N HIS B 42 14.71 16.72 -15.16
CA HIS B 42 15.75 16.15 -16.01
C HIS B 42 16.50 17.24 -16.75
N SER B 43 17.72 16.90 -17.16
CA SER B 43 18.58 17.86 -17.85
C SER B 43 18.50 17.69 -19.37
N SER B 44 18.20 16.49 -19.84
CA SER B 44 18.07 16.24 -21.27
C SER B 44 17.31 14.94 -21.58
N LEU B 45 16.95 14.77 -22.84
CA LEU B 45 16.24 13.60 -23.33
C LEU B 45 16.87 13.11 -24.63
N ASN B 46 17.03 11.80 -24.77
CA ASN B 46 17.44 11.23 -26.04
C ASN B 46 16.29 10.43 -26.62
N ALA B 47 15.54 11.08 -27.50
CA ALA B 47 14.29 10.51 -28.04
C ALA B 47 14.51 9.21 -28.80
N ALA B 48 15.61 9.11 -29.53
CA ALA B 48 15.89 7.91 -30.31
C ALA B 48 15.97 6.65 -29.45
N HIS B 49 16.43 6.78 -28.20
CA HIS B 49 16.62 5.63 -27.28
C HIS B 49 15.69 5.74 -26.08
N ASN B 50 14.71 6.63 -26.22
CA ASN B 50 13.78 6.91 -25.16
C ASN B 50 14.45 6.91 -23.79
N THR B 51 15.47 7.73 -23.63
CA THR B 51 16.15 7.88 -22.35
C THR B 51 15.95 9.27 -21.79
N VAL B 52 16.19 9.39 -20.50
CA VAL B 52 16.06 10.65 -19.79
C VAL B 52 17.30 10.78 -18.91
N THR B 53 17.98 11.92 -18.96
CA THR B 53 19.21 12.10 -18.22
C THR B 53 19.06 13.19 -17.18
N PHE B 54 19.63 12.93 -16.00
CA PHE B 54 19.73 13.90 -14.93
C PHE B 54 21.18 14.16 -14.60
N ALA B 55 21.55 15.43 -14.41
CA ALA B 55 22.91 15.76 -14.03
C ALA B 55 22.86 16.74 -12.88
N ALA B 56 23.60 16.43 -11.81
CA ALA B 56 23.62 17.33 -10.65
C ALA B 56 24.90 17.28 -9.89
N GLY B 57 25.22 18.39 -9.24
CA GLY B 57 26.36 18.45 -8.35
C GLY B 57 26.18 17.43 -7.24
N LEU B 58 27.29 16.95 -6.71
CA LEU B 58 27.29 15.90 -5.70
C LEU B 58 26.63 16.32 -4.39
N HIS B 59 26.36 17.62 -4.23
CA HIS B 59 25.74 18.13 -3.00
C HIS B 59 24.37 18.72 -3.25
N GLU B 60 23.94 18.74 -4.51
CA GLU B 60 22.63 19.29 -4.86
C GLU B 60 21.49 18.26 -4.71
N CYS B 61 20.26 18.78 -4.81
CA CYS B 61 19.09 17.95 -4.98
C CYS B 61 18.80 17.04 -3.81
N GLY B 62 19.33 17.36 -2.63
CA GLY B 62 19.01 16.63 -1.41
C GLY B 62 19.83 15.36 -1.22
N SER B 63 20.96 15.28 -1.88
CA SER B 63 21.81 14.12 -1.68
C SER B 63 22.34 14.13 -0.25
N VAL B 64 22.83 12.97 0.17
CA VAL B 64 23.27 12.78 1.55
C VAL B 64 24.64 12.12 1.54
N VAL B 65 25.58 12.72 2.24
CA VAL B 65 26.93 12.19 2.21
C VAL B 65 27.24 11.51 3.52
N GLN B 66 27.81 10.31 3.41
CA GLN B 66 28.37 9.61 4.55
C GLN B 66 29.89 9.63 4.42
N VAL B 67 30.60 10.01 5.48
CA VAL B 67 32.07 10.03 5.47
C VAL B 67 32.60 8.84 6.26
N THR B 68 33.19 7.86 5.57
CA THR B 68 33.80 6.73 6.23
C THR B 68 35.30 6.97 6.34
N PRO B 69 36.01 6.09 7.05
CA PRO B 69 37.46 6.26 7.27
C PRO B 69 38.25 6.48 5.97
N ASP B 70 37.85 5.79 4.91
CA ASP B 70 38.64 5.77 3.68
C ASP B 70 37.85 6.13 2.42
N THR B 71 36.57 6.46 2.57
CA THR B 71 35.70 6.72 1.41
C THR B 71 34.63 7.77 1.69
N LEU B 72 34.14 8.38 0.62
CA LEU B 72 32.99 9.28 0.69
C LEU B 72 31.90 8.66 -0.15
N ILE B 73 30.70 8.57 0.43
CA ILE B 73 29.55 7.95 -0.24
C ILE B 73 28.42 8.95 -0.36
N TYR B 74 28.10 9.34 -1.58
CA TYR B 74 26.94 10.21 -1.83
C TYR B 74 25.73 9.39 -2.24
N ARG B 75 24.61 9.65 -1.58
CA ARG B 75 23.40 8.87 -1.80
C ARG B 75 22.23 9.73 -2.18
N THR B 76 21.56 9.31 -3.25
CA THR B 76 20.37 10.01 -3.72
C THR B 76 19.37 8.98 -4.28
N LEU B 77 18.40 9.43 -5.06
CA LEU B 77 17.46 8.52 -5.68
C LEU B 77 16.77 9.13 -6.90
N ILE B 78 16.24 8.25 -7.74
CA ILE B 78 15.34 8.65 -8.79
C ILE B 78 13.90 8.36 -8.35
N ASN B 79 13.02 9.34 -8.42
CA ASN B 79 11.60 9.10 -8.17
C ASN B 79 10.80 8.96 -9.45
N TYR B 80 9.94 7.96 -9.48
CA TYR B 80 8.91 7.88 -10.52
C TYR B 80 7.57 8.14 -9.86
N ASP B 81 6.97 9.25 -10.24
CA ASP B 81 5.68 9.61 -9.67
C ASP B 81 4.69 9.77 -10.81
N PRO B 82 3.89 8.72 -11.05
CA PRO B 82 3.02 8.75 -12.21
C PRO B 82 2.01 9.87 -12.15
N SER B 83 1.68 10.34 -13.35
CA SER B 83 0.65 11.34 -13.58
C SER B 83 -0.72 10.70 -13.38
N PRO B 84 -1.71 11.51 -12.99
CA PRO B 84 -3.05 11.05 -12.62
C PRO B 84 -3.72 10.24 -13.71
N ALA B 85 -4.43 9.20 -13.30
CA ALA B 85 -5.21 8.37 -14.22
C ALA B 85 -6.44 9.10 -14.77
N SER B 86 -7.03 8.52 -15.82
CA SER B 86 -8.25 9.08 -16.41
C SER B 86 -9.22 9.55 -15.32
N ASN B 87 -9.37 8.74 -14.27
CA ASN B 87 -10.09 9.13 -13.07
C ASN B 87 -9.16 9.00 -11.87
N PRO B 88 -8.86 10.13 -11.22
CA PRO B 88 -7.84 10.18 -10.18
C PRO B 88 -8.15 9.38 -8.90
N VAL B 89 -9.32 8.76 -8.81
CA VAL B 89 -9.66 7.93 -7.65
C VAL B 89 -8.95 6.59 -7.69
N ILE B 90 -8.57 6.17 -8.89
CA ILE B 90 -7.86 4.91 -9.07
C ILE B 90 -6.43 5.11 -9.56
N ILE B 91 -5.68 4.03 -9.45
CA ILE B 91 -4.30 3.97 -9.87
C ILE B 91 -4.09 2.72 -10.71
N ARG B 92 -3.55 2.94 -11.91
CA ARG B 92 -3.26 1.85 -12.84
C ARG B 92 -1.79 1.51 -12.86
N THR B 93 -0.96 2.48 -12.48
CA THR B 93 0.49 2.32 -12.48
C THR B 93 1.06 2.77 -11.16
N ASN B 94 1.82 1.88 -10.52
CA ASN B 94 2.43 2.16 -9.24
C ASN B 94 3.65 3.10 -9.32
N PRO B 95 3.86 3.92 -8.27
CA PRO B 95 5.04 4.77 -8.11
C PRO B 95 6.31 3.93 -8.06
N ALA B 96 7.46 4.55 -7.94
CA ALA B 96 8.70 3.79 -7.71
C ALA B 96 9.82 4.68 -7.23
N VAL B 97 10.82 4.05 -6.62
CA VAL B 97 11.97 4.75 -6.07
C VAL B 97 13.19 3.91 -6.32
N ILE B 98 14.22 4.50 -6.91
CA ILE B 98 15.43 3.78 -7.23
C ILE B 98 16.65 4.39 -6.54
N PRO B 99 17.28 3.63 -5.64
CA PRO B 99 18.44 4.14 -4.91
C PRO B 99 19.62 4.36 -5.84
N ILE B 100 20.33 5.46 -5.60
CA ILE B 100 21.50 5.84 -6.41
C ILE B 100 22.70 6.08 -5.47
N GLU B 101 23.85 5.51 -5.82
CA GLU B 101 25.02 5.61 -4.96
C GLU B 101 26.32 5.95 -5.70
N CYS B 102 27.16 6.75 -5.07
CA CYS B 102 28.44 7.16 -5.66
C CYS B 102 29.52 7.06 -4.62
N HIS B 103 30.55 6.28 -4.92
CA HIS B 103 31.70 6.13 -4.00
C HIS B 103 32.95 6.84 -4.53
N TYR B 104 33.65 7.54 -3.65
CA TYR B 104 34.89 8.23 -4.00
C TYR B 104 35.93 8.00 -2.88
N PRO B 105 37.16 7.62 -3.24
CA PRO B 105 38.19 7.54 -2.20
C PRO B 105 38.48 8.93 -1.64
N ARG B 106 38.81 8.99 -0.35
CA ARG B 106 39.15 10.25 0.30
C ARG B 106 40.58 10.71 0.01
N ARG B 107 40.89 11.89 0.52
CA ARG B 107 42.20 12.49 0.30
C ARG B 107 42.87 12.85 1.62
N GLU B 130 43.43 19.46 15.48
CA GLU B 130 42.60 18.33 15.07
C GLU B 130 41.11 18.66 15.20
N ARG B 131 40.36 18.43 14.13
CA ARG B 131 38.93 18.69 14.13
C ARG B 131 38.15 17.38 14.33
N LEU B 132 36.91 17.50 14.79
CA LEU B 132 36.09 16.31 15.05
C LEU B 132 35.22 15.97 13.85
N VAL B 133 35.15 14.67 13.53
CA VAL B 133 34.21 14.18 12.54
C VAL B 133 33.14 13.27 13.18
N PHE B 134 31.90 13.74 13.13
CA PHE B 134 30.76 12.96 13.61
C PHE B 134 30.21 12.11 12.48
N SER B 135 29.57 10.99 12.85
CA SER B 135 28.93 10.15 11.85
C SER B 135 27.80 9.34 12.45
N LEU B 136 26.77 9.08 11.64
CA LEU B 136 25.69 8.16 11.98
C LEU B 136 25.81 6.96 11.06
N ARG B 137 25.67 5.77 11.61
CA ARG B 137 25.67 4.58 10.79
C ARG B 137 24.47 3.71 11.10
N LEU B 138 23.96 3.05 10.06
CA LEU B 138 22.86 2.14 10.19
C LEU B 138 23.46 0.76 10.36
N MET B 139 23.17 0.12 11.49
CA MET B 139 23.82 -1.15 11.84
C MET B 139 22.84 -2.31 11.82
N SER B 140 23.37 -3.53 11.74
CA SER B 140 22.55 -4.73 11.77
C SER B 140 22.13 -5.00 13.19
N ASP B 141 21.13 -5.86 13.37
CA ASP B 141 20.52 -6.07 14.68
C ASP B 141 21.52 -6.55 15.75
N ASP B 142 22.64 -7.13 15.34
CA ASP B 142 23.66 -7.56 16.28
C ASP B 142 24.76 -6.51 16.50
N TRP B 143 24.70 -5.41 15.75
CA TRP B 143 25.65 -4.29 15.91
C TRP B 143 27.06 -4.63 15.42
N SER B 144 27.21 -5.79 14.82
CA SER B 144 28.52 -6.25 14.40
C SER B 144 28.99 -5.46 13.19
N THR B 145 28.10 -5.25 12.23
CA THR B 145 28.46 -4.62 10.97
C THR B 145 27.44 -3.59 10.52
N GLU B 146 27.82 -2.77 9.55
CA GLU B 146 26.88 -1.84 8.95
C GLU B 146 25.97 -2.60 8.02
N ARG B 147 24.78 -2.08 7.78
CA ARG B 147 23.79 -2.74 6.94
C ARG B 147 23.20 -1.81 5.88
N PRO B 148 22.60 -2.40 4.84
CA PRO B 148 21.95 -1.69 3.74
C PRO B 148 20.80 -0.79 4.15
N PHE B 149 20.60 0.28 3.39
CA PHE B 149 19.54 1.24 3.64
C PHE B 149 18.22 0.81 3.03
N THR B 150 18.19 -0.39 2.47
CA THR B 150 16.98 -0.88 1.79
C THR B 150 16.46 -2.14 2.43
N GLY B 151 15.20 -2.42 2.18
CA GLY B 151 14.60 -3.67 2.61
C GLY B 151 13.87 -3.56 3.92
N PHE B 152 13.62 -2.35 4.38
CA PHE B 152 12.89 -2.17 5.63
C PHE B 152 11.39 -2.30 5.43
N GLN B 153 10.75 -2.90 6.42
CA GLN B 153 9.31 -3.01 6.44
C GLN B 153 8.79 -2.51 7.75
N LEU B 154 7.55 -2.06 7.77
CA LEU B 154 6.93 -1.68 9.00
C LEU B 154 6.99 -2.89 9.95
N GLY B 155 7.48 -2.67 11.17
CA GLY B 155 7.74 -3.74 12.11
C GLY B 155 9.22 -3.97 12.39
N ASP B 156 10.06 -3.62 11.43
CA ASP B 156 11.50 -3.77 11.58
C ASP B 156 12.02 -2.70 12.54
N ILE B 157 13.29 -2.84 12.89
CA ILE B 157 13.92 -1.90 13.80
C ILE B 157 15.19 -1.30 13.19
N LEU B 158 15.28 0.03 13.23
CA LEU B 158 16.52 0.71 12.87
C LEU B 158 17.49 0.69 14.05
N ASN B 159 18.67 0.12 13.84
CA ASN B 159 19.74 0.23 14.83
C ASN B 159 20.72 1.32 14.41
N ILE B 160 20.65 2.47 15.07
CA ILE B 160 21.51 3.57 14.74
C ILE B 160 22.68 3.72 15.70
N GLN B 161 23.87 3.90 15.14
CA GLN B 161 25.10 4.12 15.92
C GLN B 161 25.67 5.50 15.66
N ALA B 162 25.68 6.33 16.69
CA ALA B 162 26.32 7.64 16.62
C ALA B 162 27.74 7.49 17.16
N GLU B 163 28.69 8.14 16.51
CA GLU B 163 30.09 8.08 16.95
C GLU B 163 30.85 9.35 16.57
N VAL B 164 31.99 9.53 17.24
CA VAL B 164 32.87 10.67 16.95
C VAL B 164 34.31 10.17 16.84
N SER B 165 35.01 10.63 15.80
CA SER B 165 36.36 10.13 15.49
C SER B 165 37.33 10.22 16.66
N THR B 166 38.31 9.32 16.64
CA THR B 166 39.33 9.27 17.68
C THR B 166 40.55 10.14 17.34
N GLU B 167 40.49 11.38 17.80
CA GLU B 167 41.49 12.41 17.52
C GLU B 167 42.75 12.22 18.35
N ASN B 168 43.74 13.08 18.13
CA ASN B 168 44.88 13.15 19.03
C ASN B 168 44.37 13.52 20.42
N HIS B 169 43.38 14.41 20.45
CA HIS B 169 42.93 15.04 21.70
C HIS B 169 42.27 14.08 22.71
N VAL B 170 41.83 14.68 23.82
CA VAL B 170 41.37 13.94 25.00
C VAL B 170 40.16 13.07 24.73
N PRO B 171 39.92 12.07 25.61
CA PRO B 171 38.74 11.21 25.55
C PRO B 171 37.47 12.02 25.76
N LEU B 172 36.44 11.72 24.99
CA LEU B 172 35.18 12.46 25.04
C LEU B 172 34.00 11.56 25.36
N ARG B 173 32.85 12.18 25.52
CA ARG B 173 31.60 11.46 25.68
C ARG B 173 30.63 12.06 24.71
N LEU B 174 30.01 11.20 23.89
CA LEU B 174 29.10 11.63 22.81
C LEU B 174 27.65 11.67 23.28
N PHE B 175 26.94 12.70 22.84
CA PHE B 175 25.52 12.81 23.15
C PHE B 175 24.71 13.17 21.89
N VAL B 176 23.44 12.78 21.85
CA VAL B 176 22.56 13.18 20.78
C VAL B 176 21.49 14.10 21.34
N ASP B 177 21.51 15.35 20.90
CA ASP B 177 20.58 16.36 21.36
C ASP B 177 19.20 16.14 20.83
N SER B 178 19.13 15.76 19.56
CA SER B 178 17.85 15.53 18.89
C SER B 178 18.02 14.86 17.54
N CYS B 179 17.03 14.04 17.19
CA CYS B 179 16.90 13.48 15.86
C CYS B 179 15.53 13.82 15.34
N VAL B 180 15.45 14.10 14.06
CA VAL B 180 14.20 14.45 13.46
C VAL B 180 14.10 13.78 12.10
N ALA B 181 13.02 13.04 11.88
CA ALA B 181 12.79 12.41 10.59
C ALA B 181 11.97 13.34 9.71
N ALA B 182 12.23 13.26 8.40
CA ALA B 182 11.44 14.04 7.43
C ALA B 182 11.54 13.37 6.07
N LEU B 183 10.93 13.97 5.07
CA LEU B 183 10.91 13.40 3.72
C LEU B 183 12.10 13.88 2.90
N SER B 184 12.88 14.78 3.50
CA SER B 184 14.13 15.28 2.90
C SER B 184 15.15 15.58 4.00
N PRO B 185 16.40 15.80 3.62
CA PRO B 185 17.47 16.14 4.57
C PRO B 185 17.19 17.41 5.41
N ASP B 186 16.24 18.23 4.97
CA ASP B 186 15.79 19.37 5.77
C ASP B 186 14.75 18.94 6.83
N GLY B 187 15.16 18.94 8.09
CA GLY B 187 14.29 18.54 9.19
C GLY B 187 13.23 19.56 9.55
N ASP B 188 13.36 20.79 9.05
CA ASP B 188 12.39 21.86 9.30
C ASP B 188 11.26 21.86 8.27
N SER B 189 11.20 20.81 7.46
CA SER B 189 10.17 20.72 6.43
C SER B 189 8.99 19.90 6.92
N SER B 190 7.87 19.99 6.22
CA SER B 190 6.68 19.23 6.56
C SER B 190 6.51 18.08 5.59
N PRO B 191 6.14 16.90 6.11
CA PRO B 191 6.01 16.61 7.52
C PRO B 191 7.33 16.27 8.16
N HIS B 192 7.35 16.24 9.49
CA HIS B 192 8.52 15.83 10.27
C HIS B 192 8.07 15.22 11.59
N TYR B 193 8.93 14.45 12.20
CA TYR B 193 8.62 13.80 13.46
C TYR B 193 9.88 13.74 14.32
N ALA B 194 9.77 14.12 15.60
CA ALA B 194 10.91 14.13 16.48
C ALA B 194 11.09 12.79 17.19
N ILE B 195 12.16 12.08 16.86
CA ILE B 195 12.55 10.85 17.52
C ILE B 195 13.19 11.17 18.87
N ILE B 196 14.23 12.01 18.85
CA ILE B 196 14.90 12.48 20.07
C ILE B 196 14.76 13.99 20.18
N ASP B 197 14.52 14.48 21.39
CA ASP B 197 14.23 15.90 21.60
C ASP B 197 14.59 16.28 23.03
N PHE B 198 14.52 17.59 23.35
CA PHE B 198 14.77 18.07 24.70
C PHE B 198 16.15 17.66 25.22
N ASN B 199 17.15 17.75 24.35
CA ASN B 199 18.54 17.47 24.75
C ASN B 199 18.72 16.05 25.28
N GLY B 200 18.44 15.06 24.44
CA GLY B 200 18.76 13.69 24.76
C GLY B 200 17.59 12.80 25.18
N CYS B 201 16.39 13.35 25.25
CA CYS B 201 15.20 12.55 25.61
C CYS B 201 14.65 11.78 24.41
N LEU B 202 14.70 10.45 24.46
CA LEU B 202 14.20 9.63 23.35
C LEU B 202 12.66 9.52 23.42
N VAL B 203 11.97 10.55 22.93
CA VAL B 203 10.55 10.71 23.11
C VAL B 203 9.74 9.70 22.33
N ASP B 204 10.35 9.05 21.34
CA ASP B 204 9.61 8.07 20.54
C ASP B 204 9.22 6.88 21.38
N GLY B 205 10.05 6.53 22.36
CA GLY B 205 9.84 5.36 23.20
C GLY B 205 8.89 5.63 24.35
N ARG B 206 8.29 6.81 24.35
CA ARG B 206 7.43 7.24 25.43
C ARG B 206 5.98 6.87 25.15
N VAL B 207 5.64 6.80 23.87
CA VAL B 207 4.27 6.67 23.46
C VAL B 207 3.98 5.35 22.73
N ASP B 208 2.69 5.08 22.49
CA ASP B 208 2.29 3.91 21.71
C ASP B 208 2.92 2.64 22.25
N ASP B 209 3.24 1.70 21.38
CA ASP B 209 3.84 0.44 21.82
C ASP B 209 5.25 0.23 21.29
N THR B 210 6.00 1.31 21.23
CA THR B 210 7.35 1.26 20.69
C THR B 210 8.34 0.74 21.72
N SER B 211 9.44 0.18 21.22
CA SER B 211 10.50 -0.32 22.06
C SER B 211 11.75 0.54 21.88
N SER B 212 11.55 1.77 21.43
CA SER B 212 12.66 2.67 21.12
C SER B 212 13.42 3.12 22.37
N ALA B 213 14.74 2.95 22.34
CA ALA B 213 15.57 3.27 23.47
C ALA B 213 17.05 3.35 23.14
N PHE B 214 17.81 4.04 23.98
CA PHE B 214 19.26 3.97 23.91
C PHE B 214 19.74 2.65 24.47
N ILE B 215 20.81 2.11 23.89
CA ILE B 215 21.39 0.88 24.35
C ILE B 215 22.43 1.13 25.46
N THR B 216 22.39 0.26 26.48
CA THR B 216 23.32 0.33 27.60
C THR B 216 23.96 -1.05 27.77
N PRO B 217 25.27 -1.10 28.09
CA PRO B 217 26.18 0.04 28.23
C PRO B 217 26.71 0.48 26.88
N ARG B 218 27.49 1.56 26.83
CA ARG B 218 28.13 1.96 25.58
C ARG B 218 29.34 1.10 25.33
N PRO B 219 29.75 0.97 24.06
CA PRO B 219 31.01 0.32 23.70
C PRO B 219 32.23 1.18 24.07
N ARG B 220 32.12 2.49 23.81
CA ARG B 220 33.11 3.47 24.22
C ARG B 220 32.31 4.68 24.69
N GLU B 221 32.93 5.59 25.42
CA GLU B 221 32.21 6.76 25.91
C GLU B 221 31.89 7.70 24.76
N ASP B 222 32.60 7.53 23.65
CA ASP B 222 32.45 8.40 22.48
C ASP B 222 31.53 7.76 21.44
N VAL B 223 30.73 6.79 21.88
CA VAL B 223 29.79 6.08 21.04
C VAL B 223 28.44 5.98 21.74
N LEU B 224 27.37 6.24 21.01
CA LEU B 224 26.03 6.17 21.57
C LEU B 224 25.10 5.45 20.60
N ARG B 225 24.52 4.34 21.04
CA ARG B 225 23.67 3.51 20.20
C ARG B 225 22.20 3.66 20.60
N PHE B 226 21.29 3.51 19.64
CA PHE B 226 19.89 3.44 19.98
C PHE B 226 19.08 2.70 18.93
N ARG B 227 17.94 2.13 19.34
CA ARG B 227 17.05 1.39 18.45
C ARG B 227 15.78 2.17 18.30
N ILE B 228 15.30 2.29 17.06
CA ILE B 228 14.08 3.01 16.76
C ILE B 228 13.13 2.09 15.95
N ASP B 229 11.89 1.99 16.39
CA ASP B 229 10.89 1.24 15.65
C ASP B 229 10.58 1.97 14.36
N VAL B 230 10.71 1.26 13.25
CA VAL B 230 10.47 1.86 11.92
C VAL B 230 9.09 2.45 11.79
N PHE B 231 8.99 3.53 11.03
CA PHE B 231 7.73 4.18 10.73
C PHE B 231 7.77 4.83 9.35
N ARG B 232 6.64 5.35 8.89
CA ARG B 232 6.62 6.07 7.64
C ARG B 232 5.61 7.20 7.77
N PHE B 233 5.67 8.12 6.82
CA PHE B 233 4.83 9.31 6.89
C PHE B 233 3.53 9.12 6.15
N ALA B 234 2.44 9.49 6.79
CA ALA B 234 1.14 9.38 6.16
C ALA B 234 1.13 10.24 4.91
N GLY B 235 0.57 9.72 3.83
CA GLY B 235 0.37 10.48 2.61
C GLY B 235 1.56 10.43 1.68
N ASP B 236 2.65 9.86 2.17
CA ASP B 236 3.87 9.77 1.37
C ASP B 236 3.94 8.47 0.57
N ASN B 237 3.84 8.60 -0.75
CA ASN B 237 3.87 7.42 -1.62
C ASN B 237 5.25 6.99 -2.09
N ARG B 238 6.29 7.69 -1.62
CA ARG B 238 7.67 7.35 -2.00
C ARG B 238 8.20 6.34 -0.98
N ASN B 239 7.67 6.37 0.24
CA ASN B 239 8.06 5.46 1.33
C ASN B 239 9.48 5.51 1.78
N LEU B 240 9.98 6.71 2.08
CA LEU B 240 11.35 6.84 2.51
C LEU B 240 11.42 7.82 3.65
N ILE B 241 12.51 7.79 4.38
CA ILE B 241 12.71 8.75 5.45
C ILE B 241 14.16 9.14 5.55
N TYR B 242 14.38 10.41 5.90
CA TYR B 242 15.70 10.91 6.25
C TYR B 242 15.68 11.24 7.72
N ILE B 243 16.83 11.11 8.37
CA ILE B 243 16.94 11.41 9.80
C ILE B 243 18.11 12.35 10.04
N THR B 244 17.85 13.57 10.50
CA THR B 244 18.92 14.51 10.80
C THR B 244 19.09 14.65 12.31
N CYS B 245 20.26 14.29 12.80
CA CYS B 245 20.56 14.40 14.24
C CYS B 245 21.56 15.52 14.56
N HIS B 246 21.42 16.04 15.78
CA HIS B 246 22.36 17.02 16.29
C HIS B 246 23.17 16.34 17.35
N LEU B 247 24.44 16.09 17.06
CA LEU B 247 25.29 15.45 18.03
C LEU B 247 26.18 16.50 18.68
N LYS B 248 26.74 16.16 19.83
CA LYS B 248 27.60 17.06 20.56
C LYS B 248 28.41 16.25 21.54
N VAL B 249 29.50 16.83 22.02
CA VAL B 249 30.38 16.14 22.96
C VAL B 249 30.72 16.99 24.19
N THR B 250 31.03 16.28 25.27
CA THR B 250 31.55 16.88 26.47
C THR B 250 32.75 16.05 26.92
N PRO B 251 33.59 16.62 27.79
CA PRO B 251 34.70 15.92 28.42
C PRO B 251 34.27 14.55 28.95
N ALA B 252 35.11 13.53 28.76
CA ALA B 252 34.74 12.14 29.00
C ALA B 252 34.33 11.82 30.44
N ASP B 253 34.59 12.74 31.36
CA ASP B 253 34.39 12.50 32.78
C ASP B 253 33.49 13.55 33.42
N GLN B 254 32.85 14.35 32.59
CA GLN B 254 31.97 15.41 33.09
C GLN B 254 30.62 14.81 33.47
N GLY B 255 30.11 15.23 34.63
CA GLY B 255 28.81 14.77 35.09
C GLY B 255 27.73 15.08 34.08
N PRO B 256 26.92 14.07 33.73
CA PRO B 256 25.73 14.33 32.93
C PRO B 256 24.79 15.30 33.65
N ASP B 257 24.00 16.07 32.91
CA ASP B 257 23.02 16.98 33.49
C ASP B 257 21.82 17.10 32.54
N PRO B 258 20.76 17.82 32.97
CA PRO B 258 19.56 18.03 32.15
C PRO B 258 19.82 18.65 30.78
N GLN B 259 21.05 19.05 30.51
CA GLN B 259 21.38 19.67 29.23
C GLN B 259 22.19 18.67 28.40
N ASN B 260 22.89 17.75 29.07
CA ASN B 260 23.77 16.79 28.41
C ASN B 260 23.52 15.36 28.93
N LYS B 261 22.66 14.61 28.23
CA LYS B 261 22.19 13.31 28.73
C LYS B 261 21.66 12.42 27.62
N ALA B 262 21.44 11.15 27.96
CA ALA B 262 20.81 10.20 27.06
C ALA B 262 19.76 9.41 27.82
N CYS B 263 18.51 9.83 27.71
CA CYS B 263 17.43 9.21 28.48
C CYS B 263 16.43 8.43 27.62
N SER B 264 16.06 7.25 28.11
CA SER B 264 15.09 6.40 27.44
C SER B 264 13.88 6.23 28.34
N PHE B 265 12.70 6.07 27.76
CA PHE B 265 11.50 5.77 28.57
C PHE B 265 11.20 4.29 28.58
N ASN B 266 10.81 3.82 29.76
CA ASN B 266 10.35 2.45 29.91
C ASN B 266 8.90 2.43 30.37
N LYS B 267 8.04 1.82 29.56
CA LYS B 267 6.61 1.75 29.89
C LYS B 267 6.37 0.77 31.03
N ALA B 268 7.12 -0.32 31.04
CA ALA B 268 7.02 -1.35 32.08
C ALA B 268 7.06 -0.75 33.48
N ARG B 269 7.98 0.19 33.69
CA ARG B 269 8.15 0.82 34.99
C ARG B 269 7.67 2.27 34.98
N ASN B 270 7.13 2.71 33.84
CA ASN B 270 6.62 4.07 33.71
C ASN B 270 7.68 5.12 34.08
N THR B 271 8.95 4.86 33.76
CA THR B 271 10.01 5.80 34.15
C THR B 271 11.04 6.10 33.06
N TRP B 272 11.70 7.25 33.19
CA TRP B 272 12.83 7.60 32.35
C TRP B 272 14.11 7.08 32.98
N VAL B 273 15.04 6.61 32.16
CA VAL B 273 16.29 6.04 32.67
C VAL B 273 17.47 6.50 31.82
N PRO B 274 18.45 7.17 32.45
CA PRO B 274 19.62 7.63 31.71
C PRO B 274 20.55 6.46 31.44
N VAL B 275 21.40 6.61 30.42
CA VAL B 275 22.40 5.60 30.10
C VAL B 275 23.49 5.66 31.14
N GLU B 276 23.76 6.88 31.60
CA GLU B 276 24.63 7.12 32.76
C GLU B 276 24.15 8.37 33.49
N GLY B 277 24.44 8.46 34.79
CA GLY B 277 24.07 9.63 35.55
C GLY B 277 23.00 9.33 36.57
N SER B 278 22.60 10.34 37.31
CA SER B 278 21.61 10.19 38.37
C SER B 278 20.21 10.13 37.77
N ARG B 279 19.36 9.30 38.37
CA ARG B 279 18.04 9.01 37.83
C ARG B 279 17.23 10.27 37.57
N ASP B 280 17.45 11.28 38.42
CA ASP B 280 16.61 12.47 38.47
C ASP B 280 16.96 13.47 37.36
N VAL B 281 17.99 13.16 36.59
CA VAL B 281 18.43 14.03 35.52
C VAL B 281 17.39 14.06 34.39
N CYS B 282 16.59 12.98 34.32
CA CYS B 282 15.63 12.78 33.24
C CYS B 282 14.29 13.42 33.55
N ASN B 283 14.17 14.06 34.70
CA ASN B 283 12.88 14.58 35.14
C ASN B 283 12.28 15.55 34.12
N CYS B 284 13.13 16.38 33.55
CA CYS B 284 12.66 17.42 32.64
C CYS B 284 12.16 16.85 31.31
N CYS B 285 12.44 15.57 31.06
CA CYS B 285 11.96 14.89 29.87
C CYS B 285 10.43 14.81 29.86
N GLU B 286 9.86 14.44 31.00
CA GLU B 286 8.42 14.25 31.12
C GLU B 286 7.69 15.59 31.00
N THR B 287 8.32 16.66 31.47
CA THR B 287 7.75 17.99 31.43
C THR B 287 7.85 18.58 30.03
N GLY B 288 8.79 18.04 29.24
CA GLY B 288 8.94 18.44 27.84
C GLY B 288 9.75 19.72 27.65
N ASN B 289 10.44 20.15 28.70
CA ASN B 289 11.33 21.28 28.59
C ASN B 289 12.57 21.09 29.46
N CYS B 290 13.71 20.95 28.80
CA CYS B 290 14.99 20.77 29.48
C CYS B 290 15.92 21.94 29.20
N GLU B 291 15.34 23.11 29.08
CA GLU B 291 16.12 24.31 28.85
C GLU B 291 16.94 24.55 30.11
N PRO B 292 18.11 25.20 29.96
CA PRO B 292 18.94 25.61 31.10
C PRO B 292 18.35 26.80 31.88
N PRO B 293 17.62 27.71 31.20
CA PRO B 293 17.19 28.99 31.75
C PRO B 293 17.85 29.34 33.08
N VAL C 10 -36.63 -7.39 -16.36
CA VAL C 10 -36.06 -8.49 -15.60
C VAL C 10 -34.55 -8.39 -15.41
N ALA C 11 -34.14 -7.76 -14.33
CA ALA C 11 -32.75 -7.45 -14.08
C ALA C 11 -32.37 -7.94 -12.67
N ALA C 12 -31.13 -7.70 -12.25
CA ALA C 12 -30.63 -8.13 -10.96
C ALA C 12 -29.24 -7.51 -10.69
N ASP C 13 -28.87 -7.36 -9.43
CA ASP C 13 -27.56 -6.80 -9.06
C ASP C 13 -26.73 -7.85 -8.40
N VAL C 14 -25.58 -8.14 -8.97
CA VAL C 14 -24.72 -9.18 -8.44
C VAL C 14 -23.39 -8.58 -7.97
N VAL C 15 -22.89 -9.03 -6.84
CA VAL C 15 -21.63 -8.52 -6.36
C VAL C 15 -20.58 -9.61 -6.41
N ILE C 16 -19.38 -9.24 -6.82
CA ILE C 16 -18.25 -10.16 -6.86
C ILE C 16 -17.13 -9.58 -6.00
N GLY C 17 -16.66 -10.35 -5.04
CA GLY C 17 -15.62 -9.90 -4.15
C GLY C 17 -15.71 -10.64 -2.86
N PRO C 18 -14.82 -10.32 -1.91
CA PRO C 18 -13.74 -9.30 -2.08
C PRO C 18 -12.60 -9.82 -2.91
N VAL C 19 -12.11 -9.02 -3.86
CA VAL C 19 -10.88 -9.30 -4.61
C VAL C 19 -9.70 -8.67 -3.88
N LEU C 20 -8.68 -9.48 -3.53
CA LEU C 20 -7.51 -9.03 -2.74
C LEU C 20 -6.26 -8.83 -3.58
N LEU C 21 -5.68 -7.65 -3.45
CA LEU C 21 -4.48 -7.31 -4.18
C LEU C 21 -3.27 -7.39 -3.27
N SER C 22 -2.09 -7.20 -3.84
CA SER C 22 -0.87 -7.32 -3.05
C SER C 22 -0.68 -6.05 -2.23
N ALA C 23 -0.11 -6.19 -1.04
CA ALA C 23 0.13 -5.06 -0.13
C ALA C 23 1.18 -4.07 -0.64
N ASP C 24 1.91 -4.42 -1.71
CA ASP C 24 3.07 -3.66 -2.21
C ASP C 24 2.69 -2.57 -3.21
N HIS C 25 2.68 -1.31 -2.77
CA HIS C 25 2.26 -0.24 -3.64
C HIS C 25 3.37 0.22 -4.63
N HIS C 26 4.53 -0.42 -4.56
CA HIS C 26 5.59 -0.16 -5.55
C HIS C 26 5.83 -1.36 -6.45
N HIS C 27 4.89 -2.28 -6.51
CA HIS C 27 5.09 -3.50 -7.28
C HIS C 27 5.13 -3.21 -8.77
N HIS C 28 6.14 -3.78 -9.41
CA HIS C 28 6.32 -3.62 -10.85
C HIS C 28 6.79 -4.93 -11.46
N HIS C 29 6.60 -5.03 -12.77
CA HIS C 29 7.06 -6.15 -13.55
C HIS C 29 8.57 -6.26 -13.36
N HIS C 30 9.06 -7.47 -13.10
CA HIS C 30 10.51 -7.77 -13.08
C HIS C 30 11.43 -6.55 -13.01
N VAL D 10 31.22 22.06 21.00
CA VAL D 10 31.45 21.53 19.66
C VAL D 10 30.48 20.39 19.32
N ALA D 11 29.62 20.74 18.37
CA ALA D 11 28.50 19.92 17.98
C ALA D 11 28.52 19.75 16.46
N ALA D 12 27.53 19.06 15.91
CA ALA D 12 27.44 18.83 14.47
C ALA D 12 26.11 18.22 14.14
N ASP D 13 25.66 18.40 12.90
CA ASP D 13 24.42 17.81 12.41
C ASP D 13 24.71 16.78 11.34
N VAL D 14 24.35 15.53 11.58
CA VAL D 14 24.59 14.48 10.60
C VAL D 14 23.27 13.92 10.08
N VAL D 15 23.21 13.66 8.79
CA VAL D 15 22.03 13.10 8.15
C VAL D 15 22.30 11.67 7.72
N ILE D 16 21.34 10.81 8.02
CA ILE D 16 21.40 9.41 7.59
C ILE D 16 20.19 9.21 6.69
N GLY D 17 20.41 8.66 5.51
CA GLY D 17 19.32 8.37 4.59
C GLY D 17 19.81 8.41 3.17
N PRO D 18 18.90 8.15 2.21
CA PRO D 18 17.49 7.83 2.43
C PRO D 18 17.24 6.38 2.81
N VAL D 19 16.37 6.16 3.81
CA VAL D 19 15.98 4.83 4.24
C VAL D 19 14.71 4.42 3.50
N LEU D 20 14.76 3.29 2.79
CA LEU D 20 13.63 2.89 1.96
C LEU D 20 12.88 1.70 2.52
N LEU D 21 11.58 1.88 2.67
CA LEU D 21 10.70 0.78 3.04
C LEU D 21 10.23 0.03 1.81
N SER D 22 10.31 -1.29 1.90
CA SER D 22 9.84 -2.18 0.87
C SER D 22 8.67 -2.94 1.48
N ALA D 23 7.75 -3.40 0.65
CA ALA D 23 6.57 -4.08 1.19
C ALA D 23 6.35 -5.45 0.54
#